data_3DK4
#
_entry.id   3DK4
#
_cell.length_a   120.031
_cell.length_b   62.281
_cell.length_c   83.980
_cell.angle_alpha   90.00
_cell.angle_beta   121.90
_cell.angle_gamma   90.00
#
_symmetry.space_group_name_H-M   'C 1 2 1'
#
loop_
_entity.id
_entity.type
_entity.pdbx_description
1 polymer 'Glutathione reductase'
2 non-polymer 'SULFATE ION'
3 non-polymer 'FLAVIN-ADENINE DINUCLEOTIDE'
4 non-polymer 'NADPH DIHYDRO-NICOTINAMIDE-ADENINE-DINUCLEOTIDE PHOSPHATE'
5 non-polymer GLUTATHIONE
6 water water
#
_entity_poly.entity_id   1
_entity_poly.type   'polypeptide(L)'
_entity_poly.pdbx_seq_one_letter_code
;ACRQEPQPQGPPPAAGAVASYDYLVIGGGSGGLASARRAAELGARAAVVESHKLGGTCVNVGCVPKKVMWNTAVHSEFMH
DHADYGFPSCEGKFNWRVIKEKRDAYVSRLNAIYQNNLTKSHIEIIRGHAAFTSDPKPTIEVSGKKYTAPHILIATGGMP
STPHESQIPGASLGITSDGFFQLEELPGRSVIVGAGYIAVEMAGILSALGSKTSLMIRHDKVLRSFDSMISTNCTEELEN
AGVEVLKFSQVKEVKKTLSGLEVSMVTAVPGRLPVMTMIPDVDCLLWAIGRVPNTKDLSLNKLGIQTDDKGHIIVDEFQN
TNVKGIYAVGDVCGKALLTPVAIAAGRKLAHRLFEYKEDSKLDYNNIPTVVFSHPPIGTVGLTEDEAIHKYGIENVKTYS
TSFTPMYHAVTKRKTKCVMKMVCANKEEKVVGIHMQGLGCDEMLQGFAVAVKMGATKADFDNTVAIHPTSSEELVTLR
;
_entity_poly.pdbx_strand_id   A
#
loop_
_chem_comp.id
_chem_comp.type
_chem_comp.name
_chem_comp.formula
FAD non-polymer 'FLAVIN-ADENINE DINUCLEOTIDE' 'C27 H33 N9 O15 P2'
GSH non-polymer GLUTATHIONE 'C10 H17 N3 O6 S'
NDP non-polymer 'NADPH DIHYDRO-NICOTINAMIDE-ADENINE-DINUCLEOTIDE PHOSPHATE' 'C21 H30 N7 O17 P3'
SO4 non-polymer 'SULFATE ION' 'O4 S -2'
#
# COMPACT_ATOMS: atom_id res chain seq x y z
N ALA A 17 11.71 -13.55 37.50
CA ALA A 17 12.45 -12.28 37.48
C ALA A 17 12.13 -11.50 36.22
N VAL A 18 12.34 -10.18 36.18
CA VAL A 18 11.90 -9.29 35.14
C VAL A 18 13.08 -8.42 34.72
N ALA A 19 13.37 -8.51 33.43
CA ALA A 19 14.42 -7.66 32.85
C ALA A 19 13.84 -6.31 32.50
N SER A 20 14.56 -5.23 32.85
CA SER A 20 14.12 -3.87 32.57
C SER A 20 14.97 -3.21 31.47
N TYR A 21 14.29 -2.45 30.62
CA TYR A 21 14.82 -1.70 29.53
C TYR A 21 14.32 -0.25 29.60
N ASP A 22 14.94 0.68 28.92
CA ASP A 22 14.34 2.02 28.73
C ASP A 22 13.17 1.97 27.80
N TYR A 23 13.22 1.09 26.78
CA TYR A 23 12.25 1.08 25.69
C TYR A 23 12.06 -0.36 25.21
N LEU A 24 10.81 -0.82 25.25
CA LEU A 24 10.47 -2.11 24.74
C LEU A 24 9.56 -1.93 23.53
N VAL A 25 9.89 -2.48 22.41
CA VAL A 25 9.11 -2.34 21.15
C VAL A 25 8.57 -3.69 20.73
N ILE A 26 7.25 -3.79 20.63
CA ILE A 26 6.57 -5.01 20.24
C ILE A 26 6.31 -4.96 18.72
N GLY A 27 7.10 -5.70 17.96
CA GLY A 27 7.00 -5.79 16.52
C GLY A 27 8.22 -5.19 15.88
N GLY A 28 8.86 -5.96 14.99
CA GLY A 28 10.05 -5.57 14.25
C GLY A 28 9.79 -5.32 12.78
N GLY A 29 8.72 -4.56 12.51
CA GLY A 29 8.42 -4.09 11.18
C GLY A 29 8.79 -2.63 11.00
N SER A 30 8.21 -1.93 10.05
CA SER A 30 8.64 -0.57 9.69
C SER A 30 8.71 0.36 10.85
N GLY A 31 7.57 0.45 11.58
CA GLY A 31 7.52 1.39 12.66
C GLY A 31 8.33 1.03 13.88
N GLY A 32 8.32 -0.26 14.25
CA GLY A 32 9.06 -0.71 15.43
C GLY A 32 10.55 -0.56 15.22
N LEU A 33 11.04 -1.01 14.05
CA LEU A 33 12.47 -0.87 13.75
C LEU A 33 12.91 0.58 13.78
N ALA A 34 12.14 1.44 13.11
CA ALA A 34 12.55 2.85 13.03
C ALA A 34 12.56 3.49 14.40
N SER A 35 11.52 3.20 15.20
CA SER A 35 11.41 3.84 16.53
C SER A 35 12.54 3.38 17.44
N ALA A 36 12.80 2.05 17.45
CA ALA A 36 13.85 1.49 18.31
C ALA A 36 15.22 2.05 17.88
N ARG A 37 15.48 2.12 16.59
CA ARG A 37 16.82 2.62 16.14
C ARG A 37 17.00 4.06 16.53
N ARG A 38 15.96 4.91 16.42
CA ARG A 38 16.13 6.31 16.78
C ARG A 38 16.28 6.44 18.32
N ALA A 39 15.49 5.67 19.08
CA ALA A 39 15.66 5.73 20.55
C ALA A 39 17.06 5.35 20.96
N ALA A 40 17.62 4.29 20.34
CA ALA A 40 18.98 3.84 20.69
C ALA A 40 20.00 4.90 20.36
N GLU A 41 19.81 5.66 19.27
CA GLU A 41 20.71 6.77 18.94
C GLU A 41 20.73 7.81 20.03
N LEU A 42 19.61 8.01 20.72
CA LEU A 42 19.45 8.95 21.84
C LEU A 42 19.89 8.35 23.18
N GLY A 43 20.38 7.12 23.21
CA GLY A 43 20.94 6.49 24.40
C GLY A 43 20.04 5.46 25.07
N ALA A 44 18.80 5.32 24.57
CA ALA A 44 17.91 4.36 25.21
C ALA A 44 18.47 2.95 25.12
N ARG A 45 18.33 2.18 26.19
CA ARG A 45 18.53 0.76 26.30
C ARG A 45 17.27 0.08 25.78
N ALA A 46 17.26 -0.41 24.54
CA ALA A 46 16.06 -0.86 23.85
C ALA A 46 16.13 -2.32 23.47
N ALA A 47 14.92 -2.86 23.35
CA ALA A 47 14.74 -4.25 22.86
C ALA A 47 13.56 -4.28 21.89
N VAL A 48 13.65 -5.09 20.85
CA VAL A 48 12.59 -5.36 19.87
C VAL A 48 12.13 -6.81 19.98
N VAL A 49 10.88 -6.99 20.14
CA VAL A 49 10.28 -8.34 20.12
C VAL A 49 9.72 -8.64 18.75
N GLU A 50 10.05 -9.78 18.19
CA GLU A 50 9.58 -10.16 16.83
C GLU A 50 9.25 -11.64 16.82
N SER A 51 8.00 -11.96 16.44
CA SER A 51 7.62 -13.39 16.40
C SER A 51 7.90 -14.11 15.09
N HIS A 52 8.15 -13.36 14.01
CA HIS A 52 8.35 -13.93 12.69
C HIS A 52 9.60 -13.28 12.09
N LYS A 53 9.52 -12.57 10.96
CA LYS A 53 10.68 -12.08 10.26
C LYS A 53 10.84 -10.57 10.38
N LEU A 54 12.07 -10.15 10.77
CA LEU A 54 12.36 -8.73 10.80
C LEU A 54 12.09 -8.09 9.43
N GLY A 55 11.59 -6.86 9.49
CA GLY A 55 11.18 -6.10 8.35
C GLY A 55 9.67 -6.10 8.19
N GLY A 56 8.97 -7.00 8.88
CA GLY A 56 7.51 -6.95 8.91
C GLY A 56 6.89 -7.13 7.55
N THR A 57 5.71 -6.47 7.45
CA THR A 57 4.92 -6.61 6.23
C THR A 57 5.65 -6.02 5.08
N CYS A 58 6.20 -4.80 5.18
N CYS A 58 6.23 -4.82 5.21
CA CYS A 58 6.80 -4.20 4.01
CA CYS A 58 6.86 -4.09 4.10
C CYS A 58 7.90 -5.05 3.37
C CYS A 58 7.90 -5.00 3.41
N VAL A 59 8.83 -5.54 4.18
CA VAL A 59 9.96 -6.30 3.59
C VAL A 59 9.48 -7.65 3.08
N ASN A 60 8.59 -8.34 3.83
CA ASN A 60 8.35 -9.75 3.61
C ASN A 60 7.16 -10.03 2.67
N VAL A 61 6.08 -9.28 2.81
CA VAL A 61 4.83 -9.55 2.10
C VAL A 61 4.09 -8.27 1.67
N GLY A 62 4.84 -7.23 1.39
CA GLY A 62 4.30 -5.91 1.15
C GLY A 62 5.05 -5.11 0.11
N CYS A 63 5.40 -3.86 0.46
CA CYS A 63 6.06 -2.87 -0.43
C CYS A 63 7.11 -3.49 -1.29
N VAL A 64 8.10 -4.18 -0.67
CA VAL A 64 9.30 -4.60 -1.40
C VAL A 64 8.98 -5.70 -2.43
N PRO A 65 8.39 -6.87 -2.03
CA PRO A 65 8.13 -7.86 -3.09
C PRO A 65 7.09 -7.40 -4.08
N LYS A 66 6.12 -6.54 -3.63
CA LYS A 66 5.17 -5.95 -4.56
C LYS A 66 5.95 -5.17 -5.64
N LYS A 67 6.86 -4.31 -5.24
CA LYS A 67 7.56 -3.45 -6.18
C LYS A 67 8.40 -4.28 -7.15
N VAL A 68 9.03 -5.38 -6.70
CA VAL A 68 9.75 -6.25 -7.60
C VAL A 68 8.80 -6.79 -8.67
N MET A 69 7.59 -7.23 -8.21
CA MET A 69 6.63 -7.75 -9.18
C MET A 69 6.08 -6.66 -10.10
N TRP A 70 5.95 -5.44 -9.61
CA TRP A 70 5.56 -4.32 -10.48
C TRP A 70 6.61 -4.02 -11.57
N ASN A 71 7.88 -4.03 -11.16
CA ASN A 71 8.96 -3.85 -12.15
C ASN A 71 8.90 -4.94 -13.20
N THR A 72 8.56 -6.17 -12.77
CA THR A 72 8.42 -7.29 -13.71
C THR A 72 7.32 -7.03 -14.72
N ALA A 73 6.14 -6.61 -14.16
CA ALA A 73 5.00 -6.25 -15.01
C ALA A 73 5.31 -5.11 -15.97
N VAL A 74 5.94 -4.05 -15.44
N VAL A 74 6.16 -4.17 -15.55
CA VAL A 74 6.24 -2.83 -16.21
CA VAL A 74 6.63 -3.20 -16.56
C VAL A 74 7.10 -3.17 -17.41
C VAL A 74 7.44 -3.86 -17.68
N HIS A 75 8.10 -4.02 -17.15
N HIS A 75 8.26 -4.86 -17.39
CA HIS A 75 9.00 -4.53 -18.16
CA HIS A 75 8.97 -5.58 -18.46
C HIS A 75 8.21 -5.25 -19.26
C HIS A 75 8.00 -6.17 -19.48
N SER A 76 7.32 -6.14 -18.83
N SER A 76 6.82 -6.60 -19.04
CA SER A 76 6.48 -6.85 -19.81
CA SER A 76 5.82 -7.09 -20.01
C SER A 76 5.66 -5.91 -20.68
C SER A 76 5.39 -5.96 -20.93
N GLU A 77 4.92 -5.00 -20.05
N GLU A 77 5.36 -4.69 -20.53
CA GLU A 77 4.13 -4.02 -20.73
CA GLU A 77 4.98 -3.67 -21.52
C GLU A 77 4.95 -3.23 -21.75
C GLU A 77 6.07 -3.16 -22.43
N PHE A 78 6.14 -2.77 -21.40
N PHE A 78 7.30 -3.06 -21.97
CA PHE A 78 6.95 -2.00 -22.35
CA PHE A 78 8.45 -2.86 -22.84
C PHE A 78 7.47 -2.80 -23.52
C PHE A 78 8.39 -3.93 -23.93
N MET A 79 7.72 -4.08 -23.26
N MET A 79 8.16 -5.19 -23.59
CA MET A 79 8.30 -4.92 -24.32
CA MET A 79 8.03 -6.25 -24.59
C MET A 79 7.24 -5.21 -25.37
C MET A 79 6.97 -5.90 -25.63
N HIS A 80 5.97 -4.94 -25.05
N HIS A 80 5.80 -5.35 -25.26
CA HIS A 80 4.87 -4.91 -26.01
CA HIS A 80 4.81 -5.07 -26.31
C HIS A 80 5.10 -3.86 -27.11
C HIS A 80 5.20 -3.91 -27.23
N ASP A 81 5.99 -2.94 -26.78
CA ASP A 81 6.37 -1.82 -27.62
C ASP A 81 7.69 -2.04 -28.38
N HIS A 82 8.33 -3.18 -28.23
CA HIS A 82 9.71 -3.35 -28.77
C HIS A 82 9.73 -3.24 -30.29
N ALA A 83 8.80 -3.82 -31.00
CA ALA A 83 8.76 -3.72 -32.45
C ALA A 83 8.52 -2.27 -32.89
N ASP A 84 7.65 -1.54 -32.16
CA ASP A 84 7.41 -0.17 -32.54
C ASP A 84 8.65 0.70 -32.45
N TYR A 85 9.53 0.35 -31.51
CA TYR A 85 10.81 1.08 -31.31
C TYR A 85 11.96 0.54 -32.17
N GLY A 86 11.66 -0.34 -33.14
CA GLY A 86 12.66 -0.76 -34.11
C GLY A 86 13.34 -2.07 -33.87
N PHE A 87 12.91 -2.81 -32.86
CA PHE A 87 13.55 -4.08 -32.56
C PHE A 87 12.71 -5.25 -33.04
N PRO A 88 13.21 -6.42 -33.42
N PRO A 88 13.32 -6.40 -33.21
CA PRO A 88 12.22 -7.49 -33.71
CA PRO A 88 12.56 -7.60 -33.62
C PRO A 88 11.72 -8.04 -32.37
C PRO A 88 11.51 -7.87 -32.53
N SER A 89 10.42 -8.25 -32.24
N SER A 89 10.29 -8.19 -32.94
CA SER A 89 9.80 -8.66 -30.99
CA SER A 89 9.15 -8.31 -32.05
C SER A 89 10.38 -9.96 -30.42
C SER A 89 9.23 -9.44 -31.03
N CYS A 90 9.96 -10.23 -29.19
N CYS A 90 8.23 -9.42 -30.16
CA CYS A 90 10.50 -11.25 -28.33
CA CYS A 90 8.13 -10.27 -28.99
C CYS A 90 9.82 -12.63 -28.28
C CYS A 90 6.80 -10.26 -28.24
N GLU A 91 8.59 -12.75 -28.73
N GLU A 91 6.67 -11.23 -27.36
CA GLU A 91 7.72 -13.89 -28.84
CA GLU A 91 5.65 -11.74 -26.47
C GLU A 91 7.92 -15.12 -27.97
C GLU A 91 5.88 -13.24 -26.23
N GLY A 92 8.48 -15.16 -26.78
N GLY A 92 6.92 -13.51 -25.45
CA GLY A 92 8.46 -16.34 -25.91
CA GLY A 92 7.33 -14.88 -25.15
C GLY A 92 7.86 -16.05 -24.55
C GLY A 92 6.78 -15.34 -23.82
N LYS A 93 7.67 -16.99 -23.62
N LYS A 93 6.88 -16.62 -23.47
CA LYS A 93 6.83 -16.74 -22.44
CA LYS A 93 6.32 -17.02 -22.17
C LYS A 93 7.48 -16.36 -21.11
C LYS A 93 7.23 -16.66 -21.01
N PHE A 94 6.69 -15.76 -20.21
CA PHE A 94 7.20 -15.40 -18.89
C PHE A 94 7.37 -16.66 -18.04
N ASN A 95 8.38 -16.68 -17.19
CA ASN A 95 8.62 -17.77 -16.27
C ASN A 95 8.58 -17.21 -14.84
N TRP A 96 7.39 -17.34 -14.25
CA TRP A 96 7.17 -16.87 -12.88
C TRP A 96 8.22 -17.34 -11.90
N ARG A 97 8.62 -18.62 -11.98
CA ARG A 97 9.59 -19.16 -11.01
C ARG A 97 10.91 -18.41 -11.00
N VAL A 98 11.35 -17.91 -12.16
CA VAL A 98 12.63 -17.22 -12.25
C VAL A 98 12.61 -16.03 -11.30
N ILE A 99 11.58 -15.19 -11.46
CA ILE A 99 11.53 -13.97 -10.66
C ILE A 99 11.13 -14.28 -9.24
N LYS A 100 10.29 -15.28 -8.99
CA LYS A 100 9.94 -15.64 -7.62
C LYS A 100 11.21 -15.94 -6.81
N GLU A 101 12.11 -16.75 -7.37
CA GLU A 101 13.32 -17.15 -6.65
C GLU A 101 14.14 -15.91 -6.33
N LYS A 102 14.31 -15.01 -7.32
CA LYS A 102 15.12 -13.81 -7.14
C LYS A 102 14.54 -12.84 -6.10
N ARG A 103 13.20 -12.76 -6.14
CA ARG A 103 12.47 -11.93 -5.20
C ARG A 103 12.65 -12.43 -3.78
N ASP A 104 12.50 -13.79 -3.61
CA ASP A 104 12.70 -14.38 -2.30
C ASP A 104 14.11 -14.16 -1.77
N ALA A 105 15.10 -14.23 -2.67
CA ALA A 105 16.50 -14.02 -2.24
C ALA A 105 16.68 -12.60 -1.77
N TYR A 106 16.11 -11.61 -2.48
CA TYR A 106 16.19 -10.22 -2.06
C TYR A 106 15.55 -10.02 -0.69
N VAL A 107 14.39 -10.61 -0.46
CA VAL A 107 13.77 -10.51 0.86
C VAL A 107 14.72 -11.07 1.94
N SER A 108 15.34 -12.23 1.66
CA SER A 108 16.29 -12.81 2.61
C SER A 108 17.47 -11.89 2.88
N ARG A 109 18.01 -11.22 1.85
CA ARG A 109 19.09 -10.24 2.03
C ARG A 109 18.63 -9.13 2.96
N LEU A 110 17.39 -8.63 2.79
CA LEU A 110 16.88 -7.56 3.64
C LEU A 110 16.66 -8.02 5.07
N ASN A 111 16.17 -9.26 5.28
CA ASN A 111 16.04 -9.78 6.63
C ASN A 111 17.38 -9.72 7.36
N ALA A 112 18.46 -10.11 6.68
CA ALA A 112 19.78 -10.13 7.27
C ALA A 112 20.28 -8.70 7.57
N ILE A 113 19.99 -7.77 6.70
CA ILE A 113 20.37 -6.36 6.89
C ILE A 113 19.66 -5.80 8.12
N TYR A 114 18.35 -6.05 8.28
CA TYR A 114 17.65 -5.45 9.42
C TYR A 114 18.04 -6.10 10.73
N GLN A 115 18.36 -7.42 10.75
CA GLN A 115 18.95 -8.00 11.92
C GLN A 115 20.24 -7.30 12.31
N ASN A 116 21.11 -7.07 11.35
CA ASN A 116 22.37 -6.35 11.58
C ASN A 116 22.17 -4.93 12.01
N ASN A 117 21.17 -4.24 11.47
CA ASN A 117 20.91 -2.87 11.91
C ASN A 117 20.61 -2.80 13.38
N LEU A 118 19.82 -3.75 13.88
CA LEU A 118 19.55 -3.79 15.32
C LEU A 118 20.77 -4.15 16.12
N THR A 119 21.51 -5.22 15.71
CA THR A 119 22.70 -5.63 16.43
C THR A 119 23.75 -4.52 16.48
N LYS A 120 24.02 -3.82 15.40
CA LYS A 120 24.99 -2.73 15.32
C LYS A 120 24.62 -1.57 16.23
N SER A 121 23.33 -1.40 16.46
CA SER A 121 22.82 -0.39 17.36
C SER A 121 22.70 -0.88 18.81
N HIS A 122 23.08 -2.12 19.09
CA HIS A 122 23.02 -2.67 20.43
C HIS A 122 21.58 -2.73 20.93
N ILE A 123 20.67 -3.04 20.02
CA ILE A 123 19.27 -3.26 20.35
C ILE A 123 19.06 -4.77 20.50
N GLU A 124 18.59 -5.19 21.65
CA GLU A 124 18.35 -6.63 21.89
C GLU A 124 17.20 -7.12 20.99
N ILE A 125 17.31 -8.30 20.42
CA ILE A 125 16.26 -8.92 19.63
C ILE A 125 15.69 -10.03 20.50
N ILE A 126 14.41 -9.94 20.84
CA ILE A 126 13.70 -10.97 21.58
C ILE A 126 12.81 -11.73 20.60
N ARG A 127 13.12 -12.99 20.37
CA ARG A 127 12.35 -13.76 19.39
C ARG A 127 11.20 -14.48 20.08
N GLY A 128 10.00 -14.20 19.64
CA GLY A 128 8.83 -14.88 20.15
C GLY A 128 7.64 -13.93 20.12
N HIS A 129 6.50 -14.44 20.57
CA HIS A 129 5.25 -13.67 20.64
C HIS A 129 5.08 -13.02 21.99
N ALA A 130 4.95 -11.71 22.03
CA ALA A 130 4.70 -10.96 23.26
C ALA A 130 3.21 -10.83 23.56
N ALA A 131 2.89 -10.87 24.84
CA ALA A 131 1.57 -10.50 25.35
C ALA A 131 1.78 -9.77 26.67
N PHE A 132 0.91 -8.82 26.96
CA PHE A 132 0.93 -8.13 28.24
C PHE A 132 0.52 -9.10 29.37
N THR A 133 1.08 -8.82 30.57
CA THR A 133 0.66 -9.47 31.80
C THR A 133 -0.26 -8.57 32.63
N SER A 134 -0.79 -9.20 33.70
CA SER A 134 -1.66 -8.41 34.54
C SER A 134 -0.89 -7.61 35.59
N ASP A 135 0.42 -7.54 35.51
CA ASP A 135 1.18 -6.76 36.47
C ASP A 135 0.76 -5.29 36.34
N PRO A 136 0.46 -4.64 37.46
CA PRO A 136 0.05 -3.22 37.38
C PRO A 136 1.10 -2.35 36.67
N LYS A 137 2.36 -2.62 36.94
CA LYS A 137 3.42 -2.02 36.12
C LYS A 137 3.53 -2.68 34.73
N PRO A 138 3.31 -1.95 33.66
CA PRO A 138 3.26 -2.63 32.34
C PRO A 138 4.50 -3.52 32.07
N THR A 139 4.19 -4.77 31.76
CA THR A 139 5.13 -5.89 31.63
C THR A 139 4.58 -6.77 30.54
N ILE A 140 5.51 -7.30 29.75
CA ILE A 140 5.15 -8.28 28.73
C ILE A 140 5.84 -9.60 29.11
N GLU A 141 5.29 -10.71 28.55
CA GLU A 141 5.90 -12.04 28.64
C GLU A 141 6.14 -12.55 27.21
N VAL A 142 7.29 -13.15 26.98
CA VAL A 142 7.65 -13.78 25.73
C VAL A 142 8.30 -15.13 26.08
N SER A 143 7.69 -16.21 25.60
CA SER A 143 8.26 -17.54 25.85
C SER A 143 8.60 -17.76 27.31
N GLY A 144 7.68 -17.35 28.16
CA GLY A 144 7.70 -17.49 29.59
C GLY A 144 8.68 -16.65 30.38
N LYS A 145 9.28 -15.66 29.76
CA LYS A 145 10.16 -14.70 30.40
C LYS A 145 9.54 -13.29 30.37
N LYS A 146 9.72 -12.50 31.43
CA LYS A 146 9.07 -11.21 31.57
C LYS A 146 10.04 -10.07 31.33
N TYR A 147 9.50 -8.98 30.74
CA TYR A 147 10.28 -7.83 30.36
C TYR A 147 9.44 -6.61 30.69
N THR A 148 10.11 -5.53 31.15
CA THR A 148 9.40 -4.30 31.47
C THR A 148 10.22 -3.09 31.04
N ALA A 149 9.54 -1.96 30.92
CA ALA A 149 10.15 -0.69 30.61
C ALA A 149 9.17 0.42 30.97
N PRO A 150 9.65 1.65 31.23
CA PRO A 150 8.74 2.77 31.40
C PRO A 150 8.07 3.23 30.12
N HIS A 151 8.53 2.73 28.97
CA HIS A 151 8.00 3.05 27.68
C HIS A 151 7.90 1.79 26.84
N ILE A 152 6.67 1.44 26.46
CA ILE A 152 6.40 0.24 25.67
C ILE A 152 5.64 0.66 24.43
N LEU A 153 6.20 0.41 23.26
CA LEU A 153 5.57 0.69 21.98
C LEU A 153 4.96 -0.56 21.38
N ILE A 154 3.68 -0.50 21.06
CA ILE A 154 2.99 -1.53 20.30
C ILE A 154 3.05 -1.16 18.80
N ALA A 155 3.74 -2.00 18.04
CA ALA A 155 3.93 -1.76 16.62
C ALA A 155 3.74 -3.05 15.86
N THR A 156 2.60 -3.75 16.12
CA THR A 156 2.36 -5.12 15.68
C THR A 156 1.70 -5.24 14.33
N GLY A 157 1.38 -4.12 13.64
CA GLY A 157 0.87 -4.18 12.32
C GLY A 157 -0.52 -4.76 12.22
N GLY A 158 -0.81 -5.26 11.03
CA GLY A 158 -2.11 -5.90 10.69
C GLY A 158 -1.90 -7.11 9.82
N MET A 159 -2.99 -7.58 9.22
CA MET A 159 -3.03 -8.78 8.40
C MET A 159 -4.18 -8.65 7.41
N PRO A 160 -4.19 -9.42 6.31
CA PRO A 160 -5.29 -9.29 5.39
C PRO A 160 -6.61 -9.77 6.03
N SER A 161 -7.70 -9.08 5.56
CA SER A 161 -9.03 -9.52 5.89
C SER A 161 -9.56 -10.59 4.94
N THR A 162 -10.22 -11.62 5.45
CA THR A 162 -10.92 -12.57 4.59
C THR A 162 -12.39 -12.68 5.06
N PRO A 163 -13.32 -12.85 4.17
CA PRO A 163 -14.72 -13.05 4.59
C PRO A 163 -14.90 -14.28 5.50
N HIS A 164 -15.87 -14.18 6.38
CA HIS A 164 -16.30 -15.28 7.23
C HIS A 164 -17.05 -16.32 6.41
N GLU A 165 -16.86 -17.61 6.69
CA GLU A 165 -17.67 -18.63 6.01
C GLU A 165 -19.17 -18.48 6.16
N SER A 166 -19.57 -17.95 7.30
CA SER A 166 -20.98 -17.78 7.55
C SER A 166 -21.55 -16.79 6.56
N GLN A 167 -20.69 -15.87 6.12
CA GLN A 167 -21.12 -14.87 5.15
C GLN A 167 -20.95 -15.31 3.67
N ILE A 168 -19.81 -15.85 3.36
CA ILE A 168 -19.46 -16.31 2.02
C ILE A 168 -18.92 -17.72 2.15
N PRO A 169 -19.82 -18.70 2.02
CA PRO A 169 -19.34 -20.07 2.13
C PRO A 169 -18.30 -20.32 1.04
N GLY A 170 -17.19 -20.95 1.43
CA GLY A 170 -16.06 -21.27 0.59
C GLY A 170 -15.03 -20.15 0.52
N ALA A 171 -15.23 -19.03 1.25
CA ALA A 171 -14.24 -17.94 1.17
C ALA A 171 -12.82 -18.39 1.45
N SER A 172 -12.67 -19.41 2.30
CA SER A 172 -11.32 -19.85 2.71
C SER A 172 -10.60 -20.49 1.53
N LEU A 173 -11.26 -20.81 0.41
CA LEU A 173 -10.60 -21.33 -0.78
C LEU A 173 -9.81 -20.24 -1.52
N GLY A 174 -10.15 -18.97 -1.24
CA GLY A 174 -9.37 -17.87 -1.77
C GLY A 174 -8.11 -17.67 -0.96
N ILE A 175 -7.24 -16.82 -1.54
CA ILE A 175 -6.01 -16.37 -0.93
C ILE A 175 -6.09 -14.84 -0.68
N THR A 176 -5.09 -14.33 0.01
CA THR A 176 -4.92 -12.88 0.18
C THR A 176 -3.58 -12.46 -0.44
N SER A 177 -3.19 -11.20 -0.21
CA SER A 177 -1.84 -10.80 -0.62
C SER A 177 -0.73 -11.64 0.00
N ASP A 178 -0.93 -12.17 1.19
CA ASP A 178 0.08 -13.05 1.79
C ASP A 178 0.29 -14.28 0.91
N GLY A 179 -0.82 -14.92 0.48
CA GLY A 179 -0.73 -16.10 -0.37
C GLY A 179 -0.22 -15.76 -1.74
N PHE A 180 -0.45 -14.53 -2.22
CA PHE A 180 0.07 -14.07 -3.50
C PHE A 180 1.60 -14.26 -3.53
N PHE A 181 2.26 -13.86 -2.45
CA PHE A 181 3.72 -13.96 -2.37
C PHE A 181 4.25 -15.37 -2.12
N GLN A 182 3.33 -16.35 -1.90
CA GLN A 182 3.70 -17.74 -1.87
C GLN A 182 3.46 -18.47 -3.19
N LEU A 183 2.75 -17.87 -4.14
CA LEU A 183 2.48 -18.48 -5.42
C LEU A 183 3.77 -18.89 -6.14
N GLU A 184 3.83 -20.10 -6.65
CA GLU A 184 5.03 -20.60 -7.31
C GLU A 184 4.89 -20.61 -8.82
N GLU A 185 3.70 -20.33 -9.34
CA GLU A 185 3.38 -20.34 -10.76
C GLU A 185 2.39 -19.20 -11.04
N LEU A 186 2.37 -18.72 -12.29
CA LEU A 186 1.37 -17.75 -12.70
C LEU A 186 0.03 -18.42 -12.79
N PRO A 187 -1.02 -17.93 -12.12
CA PRO A 187 -2.33 -18.51 -12.29
C PRO A 187 -2.85 -18.26 -13.69
N GLY A 188 -3.49 -19.25 -14.31
CA GLY A 188 -4.02 -19.00 -15.64
C GLY A 188 -5.18 -18.01 -15.63
N ARG A 189 -6.04 -18.11 -14.65
CA ARG A 189 -7.24 -17.30 -14.52
C ARG A 189 -7.33 -16.77 -13.11
N SER A 190 -7.38 -15.47 -12.98
CA SER A 190 -7.42 -14.81 -11.66
C SER A 190 -8.62 -13.92 -11.50
N VAL A 191 -9.20 -13.96 -10.27
CA VAL A 191 -10.30 -13.04 -9.91
C VAL A 191 -9.83 -12.36 -8.62
N ILE A 192 -9.69 -11.05 -8.67
CA ILE A 192 -9.30 -10.22 -7.54
C ILE A 192 -10.54 -9.51 -7.05
N VAL A 193 -10.83 -9.59 -5.76
CA VAL A 193 -12.00 -8.95 -5.17
C VAL A 193 -11.56 -7.80 -4.31
N GLY A 194 -12.12 -6.62 -4.58
CA GLY A 194 -11.83 -5.43 -3.85
C GLY A 194 -11.52 -4.25 -4.76
N ALA A 195 -11.42 -3.06 -4.17
CA ALA A 195 -11.39 -1.85 -5.01
C ALA A 195 -10.42 -0.81 -4.47
N GLY A 196 -9.51 -1.19 -3.59
CA GLY A 196 -8.48 -0.31 -3.07
C GLY A 196 -7.15 -0.53 -3.77
N TYR A 197 -6.10 0.06 -3.17
CA TYR A 197 -4.83 0.07 -3.95
C TYR A 197 -4.28 -1.34 -4.05
N ILE A 198 -4.40 -2.22 -3.06
CA ILE A 198 -3.84 -3.55 -3.18
C ILE A 198 -4.54 -4.34 -4.29
N ALA A 199 -5.91 -4.25 -4.33
CA ALA A 199 -6.65 -4.92 -5.39
C ALA A 199 -6.18 -4.44 -6.75
N VAL A 200 -6.08 -3.12 -6.95
CA VAL A 200 -5.62 -2.54 -8.19
C VAL A 200 -4.23 -3.05 -8.60
N GLU A 201 -3.32 -2.99 -7.62
CA GLU A 201 -1.96 -3.39 -7.91
C GLU A 201 -1.84 -4.85 -8.27
N MET A 202 -2.52 -5.71 -7.48
CA MET A 202 -2.42 -7.14 -7.77
C MET A 202 -3.09 -7.51 -9.12
N ALA A 203 -4.24 -6.91 -9.40
CA ALA A 203 -4.87 -7.16 -10.69
C ALA A 203 -3.96 -6.73 -11.84
N GLY A 204 -3.35 -5.55 -11.72
CA GLY A 204 -2.53 -5.08 -12.81
C GLY A 204 -1.31 -5.95 -13.01
N ILE A 205 -0.68 -6.41 -11.95
CA ILE A 205 0.51 -7.28 -12.06
C ILE A 205 0.10 -8.62 -12.70
N LEU A 206 -0.94 -9.24 -12.18
CA LEU A 206 -1.33 -10.55 -12.71
C LEU A 206 -1.69 -10.47 -14.17
N SER A 207 -2.44 -9.41 -14.54
CA SER A 207 -2.84 -9.30 -15.97
C SER A 207 -1.65 -9.00 -16.87
N ALA A 208 -0.76 -8.12 -16.43
CA ALA A 208 0.41 -7.79 -17.29
C ALA A 208 1.26 -9.02 -17.55
N LEU A 209 1.34 -9.92 -16.55
CA LEU A 209 2.20 -11.10 -16.68
C LEU A 209 1.51 -12.27 -17.40
N GLY A 210 0.26 -12.11 -17.76
CA GLY A 210 -0.44 -13.01 -18.65
C GLY A 210 -1.61 -13.75 -18.05
N SER A 211 -1.96 -13.50 -16.81
CA SER A 211 -3.17 -14.16 -16.27
C SER A 211 -4.43 -13.55 -16.88
N LYS A 212 -5.43 -14.38 -17.18
CA LYS A 212 -6.72 -13.84 -17.62
C LYS A 212 -7.43 -13.34 -16.36
N THR A 213 -7.49 -12.01 -16.22
CA THR A 213 -7.77 -11.40 -14.95
C THR A 213 -9.05 -10.57 -14.91
N SER A 214 -9.82 -10.79 -13.85
CA SER A 214 -10.97 -9.98 -13.55
C SER A 214 -10.78 -9.30 -12.17
N LEU A 215 -11.31 -8.10 -12.04
CA LEU A 215 -11.31 -7.34 -10.79
C LEU A 215 -12.78 -7.06 -10.43
N MET A 216 -13.25 -7.60 -9.32
CA MET A 216 -14.65 -7.52 -8.93
C MET A 216 -14.86 -6.49 -7.86
N ILE A 217 -15.65 -5.46 -8.19
CA ILE A 217 -15.79 -4.26 -7.38
C ILE A 217 -17.28 -4.02 -7.09
N ARG A 218 -17.51 -3.47 -5.89
CA ARG A 218 -18.89 -3.29 -5.42
C ARG A 218 -19.61 -2.14 -6.12
N HIS A 219 -18.91 -1.17 -6.68
CA HIS A 219 -19.52 -0.01 -7.32
C HIS A 219 -19.05 0.09 -8.77
N ASP A 220 -18.93 1.28 -9.36
CA ASP A 220 -18.61 1.46 -10.78
C ASP A 220 -17.12 1.69 -11.03
N LYS A 221 -16.36 2.07 -10.02
CA LYS A 221 -14.99 2.53 -10.19
C LYS A 221 -14.16 2.06 -8.98
N VAL A 222 -12.85 1.94 -9.23
CA VAL A 222 -11.89 1.67 -8.20
C VAL A 222 -11.44 2.97 -7.50
N LEU A 223 -10.74 2.82 -6.36
CA LEU A 223 -10.11 3.94 -5.66
C LEU A 223 -11.06 5.10 -5.40
N ARG A 224 -12.28 4.75 -4.92
CA ARG A 224 -13.30 5.79 -4.77
C ARG A 224 -12.96 6.78 -3.69
N SER A 225 -12.05 6.51 -2.77
CA SER A 225 -11.65 7.53 -1.76
C SER A 225 -10.60 8.50 -2.30
N PHE A 226 -10.06 8.23 -3.48
CA PHE A 226 -9.14 9.12 -4.14
C PHE A 226 -9.92 10.21 -4.89
N ASP A 227 -9.24 11.22 -5.42
CA ASP A 227 -9.92 12.24 -6.22
C ASP A 227 -10.72 11.61 -7.34
N SER A 228 -11.90 12.17 -7.64
CA SER A 228 -12.74 11.60 -8.64
C SER A 228 -12.03 11.40 -9.98
N MET A 229 -11.12 12.30 -10.38
CA MET A 229 -10.39 12.17 -11.62
C MET A 229 -9.53 10.88 -11.64
N ILE A 230 -8.88 10.61 -10.52
CA ILE A 230 -8.08 9.39 -10.40
C ILE A 230 -8.95 8.15 -10.40
N SER A 231 -10.05 8.17 -9.63
CA SER A 231 -10.91 7.01 -9.63
C SER A 231 -11.37 6.63 -11.04
N THR A 232 -11.82 7.64 -11.79
CA THR A 232 -12.27 7.44 -13.18
C THR A 232 -11.12 6.90 -14.07
N ASN A 233 -10.00 7.67 -14.05
CA ASN A 233 -8.94 7.33 -14.96
C ASN A 233 -8.34 5.94 -14.68
N CYS A 234 -8.19 5.65 -13.37
CA CYS A 234 -7.61 4.33 -13.01
C CYS A 234 -8.49 3.18 -13.51
N THR A 235 -9.79 3.34 -13.36
CA THR A 235 -10.73 2.32 -13.85
C THR A 235 -10.58 2.17 -15.37
N GLU A 236 -10.54 3.31 -16.10
CA GLU A 236 -10.42 3.27 -17.55
C GLU A 236 -9.09 2.59 -18.01
N GLU A 237 -7.97 2.92 -17.32
CA GLU A 237 -6.70 2.35 -17.71
C GLU A 237 -6.66 0.86 -17.41
N LEU A 238 -7.28 0.40 -16.34
CA LEU A 238 -7.36 -1.04 -16.04
C LEU A 238 -8.05 -1.74 -17.23
N GLU A 239 -9.23 -1.19 -17.62
CA GLU A 239 -9.96 -1.81 -18.73
C GLU A 239 -9.15 -1.77 -20.01
N ASN A 240 -8.48 -0.66 -20.30
CA ASN A 240 -7.70 -0.54 -21.51
C ASN A 240 -6.53 -1.55 -21.54
N ALA A 241 -5.98 -1.88 -20.37
CA ALA A 241 -4.89 -2.83 -20.22
C ALA A 241 -5.36 -4.30 -20.29
N GLY A 242 -6.69 -4.55 -20.36
CA GLY A 242 -7.19 -5.93 -20.46
C GLY A 242 -7.72 -6.57 -19.20
N VAL A 243 -7.70 -5.80 -18.10
CA VAL A 243 -8.34 -6.30 -16.87
C VAL A 243 -9.84 -6.17 -17.06
N GLU A 244 -10.59 -7.23 -16.82
CA GLU A 244 -12.06 -7.23 -16.86
C GLU A 244 -12.56 -6.66 -15.51
N VAL A 245 -13.15 -5.47 -15.56
CA VAL A 245 -13.62 -4.84 -14.31
C VAL A 245 -15.11 -5.22 -14.19
N LEU A 246 -15.44 -6.05 -13.22
CA LEU A 246 -16.81 -6.55 -12.94
C LEU A 246 -17.47 -5.61 -11.93
N LYS A 247 -18.30 -4.73 -12.45
CA LYS A 247 -18.85 -3.61 -11.69
C LYS A 247 -20.12 -4.02 -10.95
N PHE A 248 -20.38 -3.37 -9.82
CA PHE A 248 -21.56 -3.66 -8.98
C PHE A 248 -21.70 -5.15 -8.71
N SER A 249 -20.58 -5.79 -8.38
CA SER A 249 -20.53 -7.26 -8.32
C SER A 249 -19.91 -7.73 -7.01
N GLN A 250 -20.47 -8.78 -6.42
CA GLN A 250 -20.03 -9.36 -5.16
C GLN A 250 -20.08 -10.88 -5.20
N VAL A 251 -19.14 -11.46 -4.43
CA VAL A 251 -19.09 -12.93 -4.32
C VAL A 251 -20.13 -13.44 -3.32
N LYS A 252 -20.92 -14.43 -3.73
CA LYS A 252 -21.86 -15.09 -2.84
C LYS A 252 -21.36 -16.40 -2.31
N GLU A 253 -20.57 -17.14 -3.03
CA GLU A 253 -20.13 -18.48 -2.68
C GLU A 253 -18.95 -18.85 -3.56
N VAL A 254 -18.08 -19.70 -3.06
CA VAL A 254 -16.96 -20.26 -3.78
C VAL A 254 -16.98 -21.77 -3.59
N LYS A 255 -16.79 -22.56 -4.65
CA LYS A 255 -16.69 -24.01 -4.61
C LYS A 255 -15.48 -24.51 -5.38
N LYS A 256 -14.92 -25.56 -4.80
CA LYS A 256 -13.87 -26.29 -5.47
C LYS A 256 -14.45 -27.12 -6.61
N THR A 257 -13.85 -27.00 -7.76
CA THR A 257 -14.23 -27.80 -8.91
C THR A 257 -13.07 -28.65 -9.38
N LEU A 258 -13.31 -29.42 -10.44
CA LEU A 258 -12.22 -30.27 -10.94
C LEU A 258 -11.14 -29.42 -11.56
N SER A 259 -11.56 -28.25 -12.00
N SER A 259 -11.34 -28.23 -12.11
CA SER A 259 -10.72 -27.29 -12.71
CA SER A 259 -10.11 -27.63 -12.66
C SER A 259 -10.63 -25.99 -11.94
C SER A 259 -9.63 -26.53 -11.73
N GLY A 260 -10.11 -26.07 -10.70
N GLY A 260 -10.40 -26.25 -10.68
CA GLY A 260 -9.95 -24.82 -9.95
CA GLY A 260 -9.95 -25.15 -9.82
C GLY A 260 -11.20 -24.51 -9.12
C GLY A 260 -11.07 -24.63 -8.93
N LEU A 261 -11.55 -23.24 -8.94
N LEU A 261 -11.63 -23.46 -9.23
CA LEU A 261 -12.72 -22.81 -8.21
CA LEU A 261 -12.67 -22.83 -8.44
C LEU A 261 -13.80 -22.24 -9.13
C LEU A 261 -13.85 -22.36 -9.31
N GLU A 262 -15.05 -22.38 -8.73
CA GLU A 262 -16.20 -21.69 -9.32
C GLU A 262 -16.64 -20.60 -8.34
N VAL A 263 -16.67 -19.39 -8.84
CA VAL A 263 -17.08 -18.25 -8.03
C VAL A 263 -18.50 -17.86 -8.42
N SER A 264 -19.42 -17.91 -7.42
CA SER A 264 -20.79 -17.45 -7.65
C SER A 264 -20.88 -15.96 -7.38
N MET A 265 -21.24 -15.17 -8.35
CA MET A 265 -21.30 -13.71 -8.24
C MET A 265 -22.71 -13.20 -8.41
N VAL A 266 -23.04 -12.15 -7.66
CA VAL A 266 -24.25 -11.38 -7.88
C VAL A 266 -23.86 -9.99 -8.39
N THR A 267 -24.47 -9.57 -9.48
CA THR A 267 -24.27 -8.28 -10.08
C THR A 267 -25.58 -7.49 -10.00
N ALA A 268 -25.54 -6.25 -9.52
CA ALA A 268 -26.72 -5.43 -9.30
C ALA A 268 -26.44 -3.97 -9.69
N VAL A 269 -26.51 -3.73 -11.02
CA VAL A 269 -26.25 -2.43 -11.59
C VAL A 269 -27.44 -1.51 -11.39
N PRO A 270 -27.27 -0.30 -10.92
CA PRO A 270 -28.41 0.60 -10.82
C PRO A 270 -29.17 0.72 -12.14
N GLY A 271 -30.48 0.60 -12.06
CA GLY A 271 -31.31 0.70 -13.25
C GLY A 271 -31.61 -0.64 -13.91
N ARG A 272 -30.98 -1.70 -13.46
CA ARG A 272 -31.09 -3.04 -13.99
C ARG A 272 -31.56 -3.94 -12.85
N LEU A 273 -31.92 -5.18 -13.21
CA LEU A 273 -32.22 -6.18 -12.19
C LEU A 273 -30.99 -6.97 -11.76
N PRO A 274 -30.95 -7.41 -10.50
CA PRO A 274 -29.85 -8.28 -10.08
C PRO A 274 -29.78 -9.58 -10.85
N VAL A 275 -28.54 -10.06 -11.04
CA VAL A 275 -28.29 -11.29 -11.82
C VAL A 275 -27.20 -12.09 -11.15
N MET A 276 -27.34 -13.38 -11.09
CA MET A 276 -26.34 -14.33 -10.62
C MET A 276 -25.57 -14.89 -11.81
N THR A 277 -24.26 -14.89 -11.72
CA THR A 277 -23.33 -15.41 -12.74
C THR A 277 -22.33 -16.35 -12.08
N MET A 278 -22.06 -17.54 -12.61
CA MET A 278 -20.97 -18.38 -12.18
C MET A 278 -19.74 -18.04 -13.02
N ILE A 279 -18.61 -17.92 -12.31
CA ILE A 279 -17.34 -17.76 -12.98
C ILE A 279 -16.53 -19.07 -12.81
N PRO A 280 -16.39 -19.84 -13.89
CA PRO A 280 -15.77 -21.16 -13.77
C PRO A 280 -14.27 -21.07 -13.96
N ASP A 281 -13.60 -22.15 -13.60
CA ASP A 281 -12.22 -22.44 -13.91
C ASP A 281 -11.28 -21.37 -13.41
N VAL A 282 -11.55 -20.85 -12.22
CA VAL A 282 -10.69 -19.84 -11.59
C VAL A 282 -9.53 -20.53 -10.85
N ASP A 283 -8.31 -20.13 -11.21
CA ASP A 283 -7.13 -20.66 -10.53
C ASP A 283 -6.76 -19.91 -9.26
N CYS A 284 -6.92 -18.60 -9.32
CA CYS A 284 -6.58 -17.77 -8.15
C CYS A 284 -7.72 -16.84 -7.83
N LEU A 285 -8.29 -16.96 -6.63
CA LEU A 285 -9.27 -16.00 -6.13
C LEU A 285 -8.56 -15.27 -5.01
N LEU A 286 -8.41 -13.95 -5.16
CA LEU A 286 -7.60 -13.15 -4.19
C LEU A 286 -8.52 -12.11 -3.57
N TRP A 287 -8.65 -12.21 -2.26
CA TRP A 287 -9.39 -11.26 -1.46
C TRP A 287 -8.49 -10.04 -1.14
N ALA A 288 -8.85 -8.86 -1.56
CA ALA A 288 -8.13 -7.63 -1.30
C ALA A 288 -9.12 -6.59 -0.84
N ILE A 289 -9.78 -6.90 0.31
CA ILE A 289 -10.93 -6.17 0.79
C ILE A 289 -10.63 -5.35 2.04
N GLY A 290 -9.45 -5.45 2.64
CA GLY A 290 -9.10 -4.65 3.80
C GLY A 290 -8.04 -5.34 4.62
N ARG A 291 -7.71 -4.73 5.74
CA ARG A 291 -6.71 -5.19 6.69
C ARG A 291 -7.31 -5.15 8.09
N VAL A 292 -6.92 -6.10 8.93
CA VAL A 292 -7.33 -6.19 10.33
C VAL A 292 -6.12 -6.00 11.22
N PRO A 293 -6.19 -5.28 12.30
CA PRO A 293 -5.01 -5.07 13.17
C PRO A 293 -4.65 -6.31 13.92
N ASN A 294 -3.34 -6.46 14.22
CA ASN A 294 -2.84 -7.64 14.85
C ASN A 294 -2.76 -7.40 16.35
N THR A 295 -3.93 -7.59 17.04
CA THR A 295 -4.05 -7.33 18.47
C THR A 295 -4.80 -8.42 19.24
N LYS A 296 -5.35 -9.42 18.60
CA LYS A 296 -6.18 -10.40 19.27
C LYS A 296 -5.49 -11.12 20.40
N ASP A 297 -4.21 -11.42 20.25
CA ASP A 297 -3.55 -12.21 21.31
C ASP A 297 -2.52 -11.45 22.16
N LEU A 298 -2.70 -10.15 22.23
CA LEU A 298 -1.82 -9.30 23.01
C LEU A 298 -2.20 -9.20 24.47
N SER A 299 -3.39 -9.72 24.84
CA SER A 299 -3.87 -9.56 26.22
C SER A 299 -3.98 -8.06 26.63
N LEU A 300 -4.44 -7.24 25.68
CA LEU A 300 -4.63 -5.82 25.96
C LEU A 300 -5.56 -5.60 27.16
N ASN A 301 -6.52 -6.47 27.35
CA ASN A 301 -7.49 -6.37 28.45
C ASN A 301 -6.85 -6.41 29.82
N LYS A 302 -5.68 -7.03 29.92
CA LYS A 302 -5.05 -7.19 31.22
C LYS A 302 -4.64 -5.83 31.78
N LEU A 303 -4.45 -4.84 30.93
CA LEU A 303 -4.11 -3.49 31.32
C LEU A 303 -5.20 -2.49 30.95
N GLY A 304 -6.33 -2.94 30.40
CA GLY A 304 -7.38 -2.01 30.01
C GLY A 304 -7.02 -1.10 28.83
N ILE A 305 -6.12 -1.53 27.95
CA ILE A 305 -5.73 -0.71 26.79
C ILE A 305 -6.90 -0.66 25.80
N GLN A 306 -7.25 0.57 25.42
CA GLN A 306 -8.44 0.87 24.61
C GLN A 306 -8.25 0.52 23.15
N THR A 307 -9.27 -0.16 22.57
CA THR A 307 -9.34 -0.47 21.16
C THR A 307 -10.71 -0.03 20.57
N ASP A 308 -10.79 0.11 19.24
CA ASP A 308 -12.13 0.24 18.61
C ASP A 308 -12.75 -1.14 18.41
N ASP A 309 -13.92 -1.20 17.80
CA ASP A 309 -14.61 -2.46 17.58
C ASP A 309 -13.89 -3.37 16.60
N LYS A 310 -12.98 -2.83 15.81
CA LYS A 310 -12.21 -3.63 14.85
C LYS A 310 -10.87 -4.11 15.40
N GLY A 311 -10.55 -3.76 16.64
CA GLY A 311 -9.30 -4.17 17.30
C GLY A 311 -8.16 -3.17 17.13
N HIS A 312 -8.39 -2.00 16.54
CA HIS A 312 -7.27 -1.03 16.43
C HIS A 312 -6.97 -0.42 17.78
N ILE A 313 -5.70 -0.22 18.07
CA ILE A 313 -5.33 0.49 19.29
C ILE A 313 -5.67 1.97 19.13
N ILE A 314 -6.37 2.54 20.08
CA ILE A 314 -6.73 3.94 20.05
C ILE A 314 -5.56 4.79 20.57
N VAL A 315 -5.20 5.86 19.85
CA VAL A 315 -4.12 6.75 20.25
C VAL A 315 -4.57 8.22 20.11
N ASP A 316 -3.85 9.07 20.82
CA ASP A 316 -3.94 10.53 20.62
C ASP A 316 -2.91 10.95 19.55
N GLU A 317 -2.78 12.29 19.38
CA GLU A 317 -1.94 12.85 18.32
C GLU A 317 -0.45 12.57 18.60
N PHE A 318 -0.09 12.21 19.82
CA PHE A 318 1.27 11.89 20.20
C PHE A 318 1.53 10.37 20.27
N GLN A 319 0.63 9.56 19.77
CA GLN A 319 0.71 8.11 19.75
C GLN A 319 0.57 7.51 21.15
N ASN A 320 0.06 8.25 22.12
CA ASN A 320 -0.22 7.66 23.41
C ASN A 320 -1.49 6.78 23.36
N THR A 321 -1.44 5.60 23.97
CA THR A 321 -2.65 4.83 24.28
C THR A 321 -3.38 5.48 25.44
N ASN A 322 -4.45 4.87 25.94
CA ASN A 322 -5.08 5.37 27.15
C ASN A 322 -4.34 4.98 28.42
N VAL A 323 -3.20 4.24 28.34
CA VAL A 323 -2.46 3.80 29.49
C VAL A 323 -1.08 4.44 29.50
N LYS A 324 -0.73 5.12 30.57
CA LYS A 324 0.55 5.77 30.75
C LYS A 324 1.69 4.78 30.50
N GLY A 325 2.67 5.26 29.72
CA GLY A 325 3.85 4.48 29.40
C GLY A 325 3.67 3.49 28.26
N ILE A 326 2.51 3.46 27.61
CA ILE A 326 2.25 2.61 26.48
C ILE A 326 1.77 3.42 25.30
N TYR A 327 2.37 3.13 24.11
CA TYR A 327 2.20 3.86 22.88
C TYR A 327 1.84 2.90 21.77
N ALA A 328 1.39 3.39 20.61
CA ALA A 328 1.20 2.57 19.45
C ALA A 328 1.43 3.41 18.18
N VAL A 329 2.03 2.77 17.16
CA VAL A 329 2.24 3.41 15.90
C VAL A 329 1.97 2.39 14.76
N GLY A 330 1.78 2.91 13.56
CA GLY A 330 1.69 2.12 12.38
C GLY A 330 0.33 1.48 12.15
N ASP A 331 0.32 0.42 11.36
CA ASP A 331 -0.94 -0.18 10.91
C ASP A 331 -1.82 -0.63 12.04
N VAL A 332 -1.31 -0.96 13.22
CA VAL A 332 -2.16 -1.42 14.32
C VAL A 332 -3.14 -0.33 14.77
N CYS A 333 -2.89 0.94 14.44
CA CYS A 333 -3.78 2.02 14.80
C CYS A 333 -4.79 2.32 13.69
N GLY A 334 -4.66 1.76 12.50
CA GLY A 334 -5.69 1.87 11.47
C GLY A 334 -5.69 3.18 10.68
N LYS A 335 -4.73 4.08 10.83
CA LYS A 335 -4.73 5.37 10.16
C LYS A 335 -3.53 5.49 9.23
N ALA A 336 -3.72 5.74 7.94
CA ALA A 336 -2.68 6.01 6.98
C ALA A 336 -1.69 4.82 6.94
N LEU A 337 -2.15 3.71 6.35
CA LEU A 337 -1.46 2.40 6.40
C LEU A 337 -0.35 2.31 5.34
N LEU A 338 0.74 3.03 5.65
CA LEU A 338 1.88 3.14 4.76
C LEU A 338 3.13 2.98 5.60
N THR A 339 4.21 2.46 4.97
CA THR A 339 5.50 2.28 5.64
C THR A 339 6.10 3.59 6.11
N PRO A 340 6.18 4.65 5.27
CA PRO A 340 6.81 5.91 5.72
C PRO A 340 6.06 6.59 6.86
N VAL A 341 4.77 6.31 6.98
CA VAL A 341 3.98 6.90 8.07
C VAL A 341 4.34 6.21 9.38
N ALA A 342 4.41 4.85 9.38
CA ALA A 342 4.83 4.14 10.56
C ALA A 342 6.23 4.60 11.00
N ILE A 343 7.15 4.72 10.03
CA ILE A 343 8.51 5.14 10.30
C ILE A 343 8.53 6.54 10.90
N ALA A 344 7.86 7.50 10.27
CA ALA A 344 7.89 8.90 10.73
C ALA A 344 7.25 9.03 12.10
N ALA A 345 6.12 8.35 12.32
CA ALA A 345 5.48 8.41 13.63
C ALA A 345 6.36 7.79 14.68
N GLY A 346 7.02 6.68 14.39
CA GLY A 346 7.94 6.01 15.26
C GLY A 346 9.16 6.86 15.64
N ARG A 347 9.73 7.53 14.64
CA ARG A 347 10.88 8.43 14.92
C ARG A 347 10.46 9.65 15.73
N LYS A 348 9.30 10.28 15.38
CA LYS A 348 8.86 11.45 16.15
C LYS A 348 8.60 11.04 17.60
N LEU A 349 8.07 9.84 17.85
CA LEU A 349 7.82 9.36 19.20
C LEU A 349 9.13 9.17 19.98
N ALA A 350 10.16 8.60 19.30
CA ALA A 350 11.43 8.43 19.94
C ALA A 350 12.02 9.77 20.42
N HIS A 351 11.92 10.80 19.55
CA HIS A 351 12.43 12.13 19.98
C HIS A 351 11.59 12.70 21.12
N ARG A 352 10.28 12.46 21.14
CA ARG A 352 9.47 12.93 22.27
C ARG A 352 9.91 12.29 23.58
N LEU A 353 10.06 10.95 23.56
CA LEU A 353 10.34 10.21 24.79
C LEU A 353 11.79 10.30 25.28
N PHE A 354 12.75 10.31 24.31
CA PHE A 354 14.13 10.17 24.66
C PHE A 354 14.95 11.43 24.37
N GLU A 355 14.39 12.41 23.67
CA GLU A 355 14.98 13.75 23.58
C GLU A 355 14.10 14.79 24.28
N TYR A 356 12.97 14.33 24.90
CA TYR A 356 12.14 15.18 25.72
C TYR A 356 11.53 16.34 24.93
N LYS A 357 11.27 16.11 23.62
CA LYS A 357 10.67 17.13 22.76
C LYS A 357 9.17 16.96 22.84
N GLU A 358 8.54 17.70 23.75
CA GLU A 358 7.11 17.48 24.01
C GLU A 358 6.18 17.73 22.82
N ASP A 359 6.59 18.55 21.86
CA ASP A 359 5.78 18.82 20.69
C ASP A 359 6.12 17.96 19.48
N SER A 360 6.98 16.95 19.66
CA SER A 360 7.37 16.08 18.55
C SER A 360 6.27 15.08 18.25
N LYS A 361 5.68 15.14 17.06
CA LYS A 361 4.60 14.29 16.61
C LYS A 361 4.53 14.32 15.10
N LEU A 362 3.85 13.36 14.48
CA LEU A 362 3.64 13.36 13.04
C LEU A 362 2.41 14.14 12.66
N ASP A 363 2.52 15.03 11.69
CA ASP A 363 1.38 15.65 11.00
C ASP A 363 0.81 14.67 9.99
N TYR A 364 -0.44 14.26 10.16
CA TYR A 364 -1.03 13.32 9.21
C TYR A 364 -1.64 13.97 8.00
N ASN A 365 -1.60 15.30 7.87
CA ASN A 365 -2.00 16.00 6.66
C ASN A 365 -0.86 16.04 5.65
N ASN A 366 -1.23 16.04 4.35
CA ASN A 366 -0.28 16.09 3.27
C ASN A 366 0.73 14.98 3.21
N ILE A 367 0.27 13.80 3.59
CA ILE A 367 1.07 12.59 3.39
C ILE A 367 0.94 12.17 1.93
N PRO A 368 2.00 12.04 1.15
CA PRO A 368 1.86 11.61 -0.23
C PRO A 368 1.72 10.10 -0.35
N THR A 369 1.14 9.67 -1.46
N THR A 369 1.02 9.63 -1.37
CA THR A 369 1.13 8.23 -1.70
CA THR A 369 0.78 8.24 -1.72
C THR A 369 1.04 7.96 -3.21
C THR A 369 1.11 8.01 -3.20
N VAL A 370 1.74 6.87 -3.53
CA VAL A 370 1.76 6.36 -4.89
C VAL A 370 1.05 5.03 -4.94
N VAL A 371 0.25 4.83 -5.97
CA VAL A 371 -0.33 3.50 -6.29
C VAL A 371 0.40 2.99 -7.54
N PHE A 372 0.98 1.78 -7.43
CA PHE A 372 1.73 1.19 -8.51
C PHE A 372 0.77 0.45 -9.49
N SER A 373 -0.11 1.27 -10.07
CA SER A 373 -0.91 0.86 -11.21
C SER A 373 -0.10 0.99 -12.51
N HIS A 374 -0.75 0.83 -13.66
CA HIS A 374 -0.12 0.94 -14.98
C HIS A 374 -0.92 1.92 -15.80
N PRO A 375 -0.49 3.17 -15.92
CA PRO A 375 0.68 3.78 -15.30
C PRO A 375 0.46 4.13 -13.85
N PRO A 376 1.51 4.50 -13.08
CA PRO A 376 1.35 4.78 -11.64
C PRO A 376 0.56 6.06 -11.38
N ILE A 377 0.01 6.11 -10.15
CA ILE A 377 -0.75 7.21 -9.61
C ILE A 377 0.06 7.88 -8.50
N GLY A 378 0.02 9.21 -8.46
CA GLY A 378 0.55 9.94 -7.31
C GLY A 378 -0.47 10.94 -6.80
N THR A 379 -0.57 11.08 -5.48
CA THR A 379 -1.51 12.06 -4.90
C THR A 379 -0.92 12.59 -3.57
N VAL A 380 -1.20 13.88 -3.33
CA VAL A 380 -0.92 14.48 -2.04
C VAL A 380 -1.98 15.56 -1.78
N GLY A 381 -2.41 15.67 -0.52
CA GLY A 381 -3.35 16.69 -0.14
C GLY A 381 -4.78 16.31 -0.43
N LEU A 382 -5.62 17.33 -0.51
CA LEU A 382 -7.06 17.21 -0.58
C LEU A 382 -7.57 16.94 -1.99
N THR A 383 -8.56 16.04 -2.06
CA THR A 383 -9.32 15.91 -3.29
C THR A 383 -10.07 17.21 -3.53
N GLU A 384 -10.51 17.39 -4.76
CA GLU A 384 -11.32 18.57 -5.10
C GLU A 384 -12.56 18.67 -4.21
N ASP A 385 -13.24 17.55 -3.97
CA ASP A 385 -14.41 17.55 -3.11
C ASP A 385 -14.08 17.83 -1.66
N GLU A 386 -12.98 17.30 -1.18
CA GLU A 386 -12.57 17.68 0.19
C GLU A 386 -12.26 19.16 0.32
N ALA A 387 -11.58 19.75 -0.65
CA ALA A 387 -11.30 21.18 -0.64
C ALA A 387 -12.58 22.00 -0.70
N ILE A 388 -13.53 21.60 -1.55
CA ILE A 388 -14.78 22.38 -1.59
C ILE A 388 -15.44 22.33 -0.21
N HIS A 389 -15.44 21.16 0.42
CA HIS A 389 -16.10 21.07 1.74
C HIS A 389 -15.42 21.97 2.74
N LYS A 390 -14.07 21.97 2.75
CA LYS A 390 -13.33 22.74 3.76
C LYS A 390 -13.35 24.24 3.50
N TYR A 391 -13.18 24.65 2.27
CA TYR A 391 -13.01 26.06 1.92
C TYR A 391 -14.24 26.77 1.35
N GLY A 392 -15.21 26.02 0.83
CA GLY A 392 -16.34 26.57 0.13
C GLY A 392 -16.13 26.52 -1.37
N ILE A 393 -17.23 26.23 -2.08
CA ILE A 393 -17.14 26.07 -3.52
C ILE A 393 -16.63 27.32 -4.21
N GLU A 394 -16.97 28.49 -3.69
CA GLU A 394 -16.53 29.69 -4.40
C GLU A 394 -15.07 30.02 -4.16
N ASN A 395 -14.43 29.26 -3.27
CA ASN A 395 -13.06 29.52 -2.88
C ASN A 395 -12.10 28.43 -3.32
N VAL A 396 -12.54 27.57 -4.23
CA VAL A 396 -11.68 26.52 -4.79
C VAL A 396 -11.65 26.67 -6.30
N LYS A 397 -10.44 26.56 -6.88
CA LYS A 397 -10.27 26.54 -8.32
C LYS A 397 -9.35 25.36 -8.67
N THR A 398 -9.73 24.62 -9.69
CA THR A 398 -8.89 23.50 -10.13
C THR A 398 -8.29 23.84 -11.47
N TYR A 399 -7.11 23.31 -11.69
CA TYR A 399 -6.45 23.34 -13.02
C TYR A 399 -6.11 21.89 -13.38
N SER A 400 -6.28 21.54 -14.66
CA SER A 400 -6.04 20.16 -15.00
C SER A 400 -5.53 20.06 -16.45
N THR A 401 -4.93 18.93 -16.74
CA THR A 401 -4.57 18.61 -18.12
C THR A 401 -4.67 17.09 -18.34
N SER A 402 -4.81 16.72 -19.61
CA SER A 402 -4.68 15.32 -20.06
C SER A 402 -3.86 15.33 -21.35
N PHE A 403 -2.90 14.46 -21.48
CA PHE A 403 -2.07 14.38 -22.64
C PHE A 403 -1.52 12.96 -22.82
N THR A 404 -0.97 12.69 -24.01
CA THR A 404 -0.24 11.44 -24.25
C THR A 404 1.26 11.66 -24.09
N PRO A 405 1.88 10.98 -23.15
CA PRO A 405 3.35 11.16 -22.99
C PRO A 405 4.08 10.89 -24.29
N MET A 406 5.19 11.62 -24.50
CA MET A 406 5.94 11.53 -25.73
C MET A 406 6.51 10.12 -25.96
N TYR A 407 6.69 9.30 -24.92
CA TYR A 407 7.07 7.89 -25.07
C TYR A 407 6.15 7.19 -26.10
N HIS A 408 4.87 7.51 -26.04
CA HIS A 408 3.89 6.85 -26.91
C HIS A 408 3.70 7.52 -28.27
N ALA A 409 4.47 8.57 -28.59
CA ALA A 409 4.35 9.28 -29.88
C ALA A 409 4.56 8.30 -31.02
N VAL A 410 5.32 7.21 -30.81
CA VAL A 410 5.72 6.22 -31.83
C VAL A 410 5.20 4.81 -31.61
N THR A 411 4.33 4.63 -30.60
CA THR A 411 3.79 3.31 -30.28
C THR A 411 2.31 3.17 -30.63
N LYS A 412 1.90 1.94 -30.95
CA LYS A 412 0.49 1.61 -31.18
C LYS A 412 -0.31 1.46 -29.87
N ARG A 413 0.34 1.01 -28.81
CA ARG A 413 -0.26 0.93 -27.49
C ARG A 413 -0.21 2.32 -26.88
N LYS A 414 -1.20 2.70 -26.12
CA LYS A 414 -1.26 4.01 -25.50
C LYS A 414 -1.61 3.99 -24.04
N THR A 415 -1.04 4.88 -23.25
CA THR A 415 -1.48 5.25 -21.94
C THR A 415 -1.57 6.79 -21.91
N LYS A 416 -2.39 7.34 -21.03
CA LYS A 416 -2.53 8.80 -20.89
C LYS A 416 -1.83 9.27 -19.62
N CYS A 417 -1.67 10.59 -19.55
CA CYS A 417 -1.29 11.22 -18.30
C CYS A 417 -2.37 12.28 -18.01
N VAL A 418 -2.91 12.19 -16.77
CA VAL A 418 -3.87 13.16 -16.29
C VAL A 418 -3.30 13.78 -14.99
N MET A 419 -3.52 15.12 -14.86
CA MET A 419 -3.03 15.84 -13.70
C MET A 419 -4.12 16.85 -13.30
N LYS A 420 -4.24 16.98 -11.98
CA LYS A 420 -5.18 17.94 -11.38
C LYS A 420 -4.46 18.65 -10.19
N MET A 421 -4.54 20.00 -10.23
CA MET A 421 -4.06 20.83 -9.15
C MET A 421 -5.29 21.49 -8.52
N VAL A 422 -5.43 21.34 -7.22
CA VAL A 422 -6.59 21.92 -6.44
C VAL A 422 -6.05 23.12 -5.67
N CYS A 423 -6.62 24.31 -5.90
CA CYS A 423 -6.17 25.54 -5.29
C CYS A 423 -7.25 26.18 -4.43
N ALA A 424 -6.85 26.74 -3.31
CA ALA A 424 -7.74 27.39 -2.35
C ALA A 424 -7.43 28.87 -2.18
N ASN A 425 -8.49 29.66 -2.09
CA ASN A 425 -8.51 31.07 -1.73
C ASN A 425 -7.87 31.93 -2.79
N LYS A 426 -7.84 33.24 -2.54
CA LYS A 426 -7.41 34.21 -3.56
C LYS A 426 -6.00 33.95 -4.06
N GLU A 427 -5.15 33.57 -3.13
CA GLU A 427 -3.76 33.29 -3.39
C GLU A 427 -3.56 31.97 -4.12
N GLU A 428 -4.59 31.14 -4.32
CA GLU A 428 -4.44 29.88 -4.98
C GLU A 428 -3.37 29.02 -4.33
N LYS A 429 -3.46 28.85 -2.99
CA LYS A 429 -2.69 27.86 -2.29
C LYS A 429 -2.93 26.47 -2.86
N VAL A 430 -1.83 25.73 -3.14
CA VAL A 430 -1.97 24.40 -3.72
C VAL A 430 -2.26 23.42 -2.59
N VAL A 431 -3.51 22.99 -2.48
CA VAL A 431 -3.94 22.13 -1.39
C VAL A 431 -4.09 20.67 -1.81
N GLY A 432 -4.03 20.37 -3.12
CA GLY A 432 -4.00 19.00 -3.57
C GLY A 432 -3.33 18.88 -4.96
N ILE A 433 -2.62 17.79 -5.18
CA ILE A 433 -2.10 17.42 -6.49
C ILE A 433 -2.42 15.95 -6.70
N HIS A 434 -2.99 15.62 -7.86
CA HIS A 434 -3.45 14.28 -8.20
C HIS A 434 -3.06 13.95 -9.62
N MET A 435 -2.47 12.78 -9.85
CA MET A 435 -2.06 12.48 -11.21
C MET A 435 -1.92 10.97 -11.44
N GLN A 436 -2.01 10.61 -12.72
CA GLN A 436 -1.71 9.25 -13.15
C GLN A 436 -0.97 9.36 -14.47
N GLY A 437 0.11 8.59 -14.63
CA GLY A 437 0.88 8.67 -15.88
C GLY A 437 2.27 8.12 -15.65
N LEU A 438 2.92 7.84 -16.81
CA LEU A 438 4.31 7.45 -16.78
C LEU A 438 5.17 8.45 -16.01
N GLY A 439 6.00 7.97 -15.10
CA GLY A 439 6.88 8.81 -14.30
C GLY A 439 6.24 9.35 -13.04
N CYS A 440 4.92 9.22 -12.84
CA CYS A 440 4.29 9.88 -11.70
C CYS A 440 4.77 9.32 -10.35
N ASP A 441 5.23 8.05 -10.35
CA ASP A 441 5.79 7.41 -9.15
C ASP A 441 6.98 8.16 -8.60
N GLU A 442 7.87 8.62 -9.47
CA GLU A 442 9.10 9.37 -9.05
C GLU A 442 8.87 10.88 -9.05
N MET A 443 7.83 11.40 -9.66
CA MET A 443 7.58 12.82 -9.80
C MET A 443 7.03 13.44 -8.54
N LEU A 444 6.29 12.67 -7.75
CA LEU A 444 5.45 13.27 -6.69
C LEU A 444 6.24 13.82 -5.50
N GLN A 445 7.34 13.16 -5.08
CA GLN A 445 7.99 13.51 -3.81
C GLN A 445 8.32 14.99 -3.71
N GLY A 446 8.91 15.58 -4.75
CA GLY A 446 9.28 16.98 -4.69
C GLY A 446 8.10 17.93 -4.59
N PHE A 447 7.05 17.57 -5.35
CA PHE A 447 5.82 18.38 -5.28
C PHE A 447 5.21 18.29 -3.87
N ALA A 448 5.33 17.14 -3.22
CA ALA A 448 4.83 16.99 -1.85
C ALA A 448 5.62 17.94 -0.91
N VAL A 449 6.93 18.11 -1.12
CA VAL A 449 7.69 19.05 -0.28
C VAL A 449 7.11 20.45 -0.48
N ALA A 450 6.86 20.86 -1.72
CA ALA A 450 6.32 22.21 -2.01
C ALA A 450 4.93 22.40 -1.37
N VAL A 451 4.05 21.39 -1.48
CA VAL A 451 2.74 21.47 -0.85
C VAL A 451 2.87 21.58 0.66
N LYS A 452 3.73 20.76 1.30
CA LYS A 452 3.92 20.88 2.73
C LYS A 452 4.41 22.27 3.14
N MET A 453 5.19 22.93 2.31
CA MET A 453 5.61 24.29 2.53
C MET A 453 4.58 25.38 2.29
N GLY A 454 3.40 25.01 1.78
CA GLY A 454 2.39 26.02 1.52
C GLY A 454 2.52 26.71 0.18
N ALA A 455 3.06 26.02 -0.81
CA ALA A 455 3.18 26.56 -2.14
C ALA A 455 1.85 27.06 -2.70
N THR A 456 1.94 28.16 -3.43
CA THR A 456 0.83 28.69 -4.20
C THR A 456 1.02 28.37 -5.66
N LYS A 457 -0.03 28.53 -6.47
CA LYS A 457 0.14 28.33 -7.89
C LYS A 457 1.22 29.23 -8.47
N ALA A 458 1.32 30.47 -7.98
CA ALA A 458 2.39 31.35 -8.44
C ALA A 458 3.76 30.72 -8.19
N ASP A 459 3.97 30.03 -7.08
CA ASP A 459 5.26 29.35 -6.83
C ASP A 459 5.55 28.30 -7.87
N PHE A 460 4.56 27.55 -8.31
CA PHE A 460 4.75 26.55 -9.34
C PHE A 460 5.06 27.28 -10.65
N ASP A 461 4.24 28.28 -10.95
N ASP A 461 4.24 28.28 -10.99
CA ASP A 461 4.35 29.10 -12.15
CA ASP A 461 4.43 28.92 -12.30
C ASP A 461 5.80 29.57 -12.36
C ASP A 461 5.71 29.73 -12.39
N ASN A 462 6.32 30.09 -11.27
CA ASN A 462 7.60 30.81 -11.22
C ASN A 462 8.77 29.85 -11.34
N THR A 463 8.55 28.57 -11.40
CA THR A 463 9.61 27.60 -11.53
C THR A 463 9.74 27.19 -12.99
N VAL A 464 10.93 27.38 -13.55
CA VAL A 464 11.14 27.07 -14.96
C VAL A 464 10.97 25.58 -15.19
N ALA A 465 10.30 25.25 -16.30
CA ALA A 465 10.01 23.87 -16.69
C ALA A 465 11.29 23.13 -17.05
N ILE A 466 11.21 21.79 -17.02
CA ILE A 466 12.21 20.85 -17.53
C ILE A 466 11.58 20.16 -18.75
N HIS A 467 12.23 20.28 -19.89
CA HIS A 467 11.69 19.78 -21.14
C HIS A 467 12.67 18.83 -21.83
N PRO A 468 12.18 17.80 -22.51
CA PRO A 468 10.81 17.27 -22.53
C PRO A 468 10.61 16.28 -21.40
N THR A 469 9.60 16.53 -20.55
CA THR A 469 9.24 15.62 -19.48
C THR A 469 7.71 15.65 -19.34
N SER A 470 7.17 14.68 -18.62
CA SER A 470 5.79 14.83 -18.15
C SER A 470 5.67 15.86 -17.00
N SER A 471 6.71 15.90 -16.16
CA SER A 471 6.66 16.71 -14.94
C SER A 471 6.46 18.19 -15.23
N GLU A 472 6.94 18.70 -16.35
CA GLU A 472 6.78 20.10 -16.67
C GLU A 472 5.35 20.51 -16.80
N GLU A 473 4.45 19.55 -17.10
CA GLU A 473 3.04 19.91 -17.28
C GLU A 473 2.44 20.45 -15.98
N LEU A 474 2.99 20.07 -14.82
CA LEU A 474 2.43 20.55 -13.55
C LEU A 474 2.81 22.00 -13.24
N VAL A 475 3.84 22.52 -13.88
CA VAL A 475 4.28 23.91 -13.66
C VAL A 475 3.88 24.80 -14.84
N THR A 476 3.07 24.32 -15.77
CA THR A 476 2.63 25.10 -16.92
C THR A 476 1.12 25.02 -17.11
N LEU A 477 0.36 24.70 -16.06
CA LEU A 477 -1.10 24.70 -16.17
C LEU A 477 -1.65 26.10 -16.28
N ARG A 478 -2.68 26.28 -17.05
CA ARG A 478 -3.35 27.57 -17.16
C ARG A 478 -4.89 27.43 -17.19
S SO4 B . -20.99 -0.15 0.33
O1 SO4 B . -21.71 1.00 -0.44
O2 SO4 B . -22.16 -1.11 0.78
O3 SO4 B . -20.18 0.51 1.36
O4 SO4 B . -20.15 -0.80 -0.73
PA FAD C . 4.37 -4.45 10.20
O1A FAD C . 3.20 -5.24 9.72
O2A FAD C . 5.45 -4.08 9.22
O5B FAD C . 5.20 -5.11 11.37
C5B FAD C . 4.53 -5.66 12.52
C4B FAD C . 5.49 -6.76 13.01
O4B FAD C . 4.96 -7.16 14.33
C3B FAD C . 5.57 -8.01 12.15
O3B FAD C . 6.89 -8.34 11.75
C2B FAD C . 4.86 -9.09 13.02
O2B FAD C . 5.41 -10.41 12.85
C1B FAD C . 5.26 -8.61 14.45
N9A FAD C . 4.30 -9.06 15.50
C8A FAD C . 2.93 -8.87 15.52
N7A FAD C . 2.43 -9.23 16.71
C5A FAD C . 3.52 -9.58 17.50
C6A FAD C . 3.62 -9.95 18.90
N6A FAD C . 2.55 -9.96 19.73
N1A FAD C . 4.87 -10.28 19.34
C2A FAD C . 5.94 -10.16 18.47
N3A FAD C . 5.94 -9.79 17.20
C4A FAD C . 4.72 -9.48 16.72
N1 FAD C . 3.15 0.81 2.11
C2 FAD C . 3.90 1.73 1.41
O2 FAD C . 4.30 2.76 1.98
N3 FAD C . 4.20 1.50 0.11
C4 FAD C . 3.84 0.39 -0.59
O4 FAD C . 4.17 0.28 -1.80
C4X FAD C . 3.06 -0.61 0.16
N5 FAD C . 2.60 -1.70 -0.55
C5X FAD C . 1.97 -2.64 0.22
C6 FAD C . 1.58 -3.86 -0.43
C7 FAD C . 0.93 -4.90 0.29
C7M FAD C . 0.52 -6.14 -0.45
C8 FAD C . 0.75 -4.74 1.68
C8M FAD C . 0.11 -5.80 2.52
C9 FAD C . 1.19 -3.56 2.31
C9A FAD C . 1.79 -2.51 1.59
N10 FAD C . 2.14 -1.29 2.21
C10 FAD C . 2.77 -0.36 1.46
C1' FAD C . 1.84 -1.02 3.64
C2' FAD C . 3.04 -1.30 4.52
O2' FAD C . 3.55 -2.63 4.29
C3' FAD C . 2.59 -1.17 6.00
O3' FAD C . 1.96 0.13 6.16
C4' FAD C . 3.74 -1.24 6.98
O4' FAD C . 4.43 -2.55 6.86
C5' FAD C . 3.20 -1.19 8.42
O5' FAD C . 4.33 -1.24 9.34
P FAD C . 4.07 -1.59 10.85
O1P FAD C . 5.33 -1.35 11.56
O2P FAD C . 2.83 -0.94 11.31
O3P FAD C . 3.71 -3.17 10.83
PA NDP D . -8.82 -0.52 1.72
PA NDP D . -8.20 -0.67 1.06
PA NDP D . -8.84 -0.97 1.12
O1A NDP D . -9.96 0.17 2.54
O1A NDP D . -7.26 0.36 0.46
O1A NDP D . -8.28 -2.28 1.65
O2A NDP D . -8.20 -1.68 2.47
O2A NDP D . -8.52 -0.45 2.54
O2A NDP D . -7.83 0.17 1.04
O5B NDP D . -9.48 -0.92 0.40
O5B NDP D . -9.44 -0.72 0.17
O5B NDP D . -9.52 -1.28 -0.19
C5B NDP D . -10.39 -2.00 0.26
C5B NDP D . -10.22 -1.90 -0.03
C5B NDP D . -10.48 -2.31 -0.44
C4B NDP D . -11.60 -1.48 -0.49
C4B NDP D . -11.44 -1.48 -0.80
C4B NDP D . -11.63 -1.65 -1.18
O4B NDP D . -12.32 -2.62 -1.05
O4B NDP D . -12.15 -2.69 -1.23
O4B NDP D . -12.48 -2.68 -1.72
C3B NDP D . -12.63 -0.71 0.34
C3B NDP D . -12.48 -0.68 -0.01
C3B NDP D . -12.52 -0.76 -0.32
O3B NDP D . -12.29 0.65 0.34
O3B NDP D . -12.17 0.68 -0.06
O3B NDP D . -12.12 0.59 -0.55
C2B NDP D . -13.92 -1.01 -0.40
C2B NDP D . -13.76 -1.02 -0.74
C2B NDP D . -13.91 -1.01 -0.90
O2B NDP D . -14.13 -0.18 -1.56
O2B NDP D . -14.03 -0.22 -1.88
O2B NDP D . -14.21 -0.15 -1.99
C1B NDP D . -13.71 -2.46 -0.82
C1B NDP D . -13.54 -2.47 -1.17
C1B NDP D . -13.83 -2.44 -1.38
N9A NDP D . -14.16 -3.45 0.13
N9A NDP D . -14.12 -3.44 -0.24
N9A NDP D . -14.26 -3.44 -0.43
C8A NDP D . -14.23 -3.39 1.48
C8A NDP D . -14.18 -3.36 1.12
C8A NDP D . -14.17 -3.38 0.93
N7A NDP D . -14.83 -4.43 2.03
N7A NDP D . -14.88 -4.33 1.67
N7A NDP D . -14.67 -4.44 1.54
C5A NDP D . -15.24 -5.16 0.94
C5A NDP D . -15.29 -5.09 0.58
C5A NDP D . -15.17 -5.19 0.50
C6A NDP D . -15.88 -6.40 0.87
C6A NDP D . -16.02 -6.27 0.52
C6A NDP D . -15.76 -6.46 0.50
N6A NDP D . -16.36 -7.03 1.96
N6A NDP D . -16.58 -6.84 1.61
N6A NDP D . -16.09 -7.10 1.63
N1A NDP D . -16.11 -6.89 -0.39
N1A NDP D . -16.24 -6.77 -0.72
N1A NDP D . -16.11 -6.95 -0.72
C2A NDP D . -15.67 -6.22 -1.45
C2A NDP D . -15.74 -6.16 -1.80
C2A NDP D . -15.81 -6.28 -1.83
N3A NDP D . -15.01 -5.04 -1.49
N3A NDP D . -15.01 -5.02 -1.84
N3A NDP D . -15.21 -5.09 -1.94
C4A NDP D . -14.83 -4.58 -0.23
C4A NDP D . -14.80 -4.57 -0.59
C4A NDP D . -14.89 -4.63 -0.72
O3 NDP D . -7.81 0.54 1.40
O3 NDP D . -7.52 -2.02 0.92
O3 NDP D . -9.95 -0.53 2.09
PN NDP D . -7.26 1.76 0.49
PN NDP D . -6.19 -2.84 0.61
PN NDP D . -10.10 0.24 3.55
O1N NDP D . -6.52 1.11 -0.63
O1N NDP D . -6.32 -4.09 1.44
O1N NDP D . -11.16 1.25 3.27
O2N NDP D . -8.44 2.60 0.17
O2N NDP D . -6.14 -2.94 -0.87
O2N NDP D . -10.40 -0.88 4.49
O5D NDP D . -6.39 2.51 1.50
O5D NDP D . -5.06 -1.94 1.03
O5D NDP D . -8.72 0.75 3.78
C5D NDP D . -5.13 2.12 2.06
C4D NDP D . -4.26 3.33 2.37
O4D NDP D . -4.09 4.11 1.14
C3D NDP D . -4.86 4.33 3.33
O3D NDP D . -4.76 3.93 4.69
C2D NDP D . -4.06 5.58 3.01
O2D NDP D . -2.79 5.49 3.63
C1D NDP D . -3.98 5.49 1.48
N1N NDP D . -5.08 6.21 0.76
C2N NDP D . -4.80 7.51 0.37
C3N NDP D . -5.80 8.32 -0.08
C7N NDP D . -5.55 9.74 -0.48
O7N NDP D . -4.52 10.32 -0.10
N7N NDP D . -6.50 10.30 -1.24
C4N NDP D . -7.13 7.85 -0.17
C5N NDP D . -7.39 6.55 0.24
C6N NDP D . -6.34 5.75 0.73
P2B NDP D . -15.53 0.14 -2.20
P2B NDP D . -15.49 -0.05 -2.49
P2B NDP D . -15.56 0.17 -2.65
O1X NDP D . -15.33 0.91 -3.49
O1X NDP D . -15.37 0.81 -3.74
O1X NDP D . -15.39 1.31 -3.64
O2X NDP D . -16.25 0.91 -1.11
O2X NDP D . -16.25 0.58 -1.36
O2X NDP D . -16.46 0.50 -1.48
O3X NDP D . -16.22 -1.20 -2.45
O3X NDP D . -15.98 -1.44 -2.83
O3X NDP D . -16.05 -1.08 -3.38
N1 GSH E . 15.79 4.75 4.49
CA1 GSH E . 14.41 5.24 4.68
C1 GSH E . 14.44 6.26 5.86
O11 GSH E . 15.52 6.49 6.40
O12 GSH E . 13.31 6.77 6.15
CB1 GSH E . 13.48 4.10 5.04
CG1 GSH E . 13.27 3.11 3.81
CD1 GSH E . 12.29 2.08 4.24
OE1 GSH E . 11.05 2.28 4.26
N2 GSH E . 12.80 0.90 4.67
CA2 GSH E . 11.97 -0.19 5.20
C2 GSH E . 11.99 -0.22 6.76
O2 GSH E . 11.40 -1.17 7.41
CB2 GSH E . 12.46 -1.57 4.72
SG2 GSH E . 12.39 -1.78 2.90
N3 GSH E . 12.77 0.64 7.35
CA3 GSH E . 12.69 0.67 9.01
C3 GSH E . 14.12 1.36 9.29
O31 GSH E . 14.59 1.32 10.43
O32 GSH E . 14.64 1.99 8.24
N1 GSH F . 14.51 3.48 -1.64
CA1 GSH F . 15.41 3.09 -2.78
C1 GSH F . 14.66 2.30 -3.92
O11 GSH F . 13.44 1.98 -3.59
O12 GSH F . 15.32 2.00 -4.97
CB1 GSH F . 16.59 2.27 -2.26
CG1 GSH F . 16.20 0.79 -1.86
CD1 GSH F . 15.91 0.74 -0.37
OE1 GSH F . 15.24 1.53 0.26
N2 GSH F . 16.41 -0.44 0.18
CA2 GSH F . 16.43 -0.64 1.63
C2 GSH F . 17.72 -1.19 2.12
O2 GSH F . 17.84 -1.75 3.24
CB2 GSH F . 15.30 -1.62 2.09
SG2 GSH F . 13.71 -0.72 1.91
N3 GSH F . 18.82 -1.00 1.28
CA3 GSH F . 20.12 -1.47 1.84
C3 GSH F . 20.72 -2.59 0.90
O31 GSH F . 19.94 -3.18 0.06
O32 GSH F . 22.01 -2.76 1.09
#